data_8BA3
#
_entry.id   8BA3
#
_cell.length_a   78.224
_cell.length_b   57.756
_cell.length_c   60.633
_cell.angle_alpha   90.000
_cell.angle_beta   91.622
_cell.angle_gamma   90.000
#
_symmetry.space_group_name_H-M   'C 1 2 1'
#
loop_
_entity.id
_entity.type
_entity.pdbx_description
1 polymer 'Tyrosine-protein kinase JAK2'
2 non-polymer 1-(3,4-diazatricyclo[9.4.0.0^{2,7}]pentadeca-1(11),2(7),3,5,12,14-hexaen-5-yl)-~{N}3-[(7~{S})-7-pyrrolidin-1-yl-6,7,8,9-tetrahydro-5~{H}-benzo[7]annulen-3-yl]-1,2,4-triazole-3,5-diamine
3 non-polymer GLYCEROL
4 water water
#
_entity_poly.entity_id   1
_entity_poly.type   'polypeptide(L)'
_entity_poly.pdbx_seq_one_letter_code
;VFHKIRNEDLIFNESLGQGTFTKIFKGVRREVGDYGQLHETEVLLKVLDKAHRNYSESFFEAASMMSKLSHKHLVLNYGV
CVCGDENILVQEFVKFGSLDTYLKKNKNCINILWKLEVAKQLAAAMHFLEENTLIHGNVCAKNILLIREEDRKTGNPPFI
KLSDPGISITVLPKDILQERIPWVPPECIENPKNLNLATDKWSFGTTLWEICSGGDKPLSALDSQRKLQFYEDRHQLPAP
KAAELANLINNCMDYEPDHRPSFRAIIRDLNSLFTPDLVPRGSHHHHHH
;
_entity_poly.pdbx_strand_id   A
#
loop_
_chem_comp.id
_chem_comp.type
_chem_comp.name
_chem_comp.formula
GOL non-polymer GLYCEROL 'C3 H8 O3'
Q8U non-polymer 1-(3,4-diazatricyclo[9.4.0.0^{2,7}]pentadeca-1(11),2(7),3,5,12,14-hexaen-5-yl)-~{N}3-[(7~{S})-7-pyrrolidin-1-yl-6,7,8,9-tetrahydro-5~{H}-benzo[7]annulen-3-yl]-1,2,4-triazole-3,5-diamine 'C30 H34 N8'
#
# COMPACT_ATOMS: atom_id res chain seq x y z
N VAL A 1 9.36 0.72 22.58
CA VAL A 1 10.07 -0.56 22.77
C VAL A 1 9.30 -1.69 22.12
N PHE A 2 9.89 -2.30 21.09
CA PHE A 2 9.28 -3.45 20.45
C PHE A 2 9.39 -4.68 21.34
N HIS A 3 8.37 -5.52 21.28
CA HIS A 3 8.47 -6.82 21.93
C HIS A 3 9.62 -7.60 21.30
N LYS A 4 10.52 -8.08 22.12
CA LYS A 4 11.71 -8.76 21.62
C LYS A 4 11.42 -10.24 21.52
N ILE A 5 11.66 -10.80 20.33
CA ILE A 5 11.39 -12.19 20.02
C ILE A 5 12.74 -12.87 19.83
N ARG A 6 12.98 -13.92 20.60
CA ARG A 6 14.27 -14.60 20.51
C ARG A 6 14.40 -15.30 19.17
N ASN A 7 15.61 -15.27 18.60
CA ASN A 7 15.82 -15.97 17.34
C ASN A 7 15.57 -17.45 17.49
N GLU A 8 15.80 -18.00 18.69
CA GLU A 8 15.53 -19.40 18.92
C GLU A 8 14.07 -19.74 18.83
N ASP A 9 13.18 -18.74 18.92
CA ASP A 9 11.75 -18.94 18.80
C ASP A 9 11.24 -18.62 17.39
N LEU A 10 12.14 -18.46 16.43
CA LEU A 10 11.78 -18.13 15.06
C LEU A 10 12.45 -19.07 14.09
N ILE A 11 11.67 -19.65 13.19
CA ILE A 11 12.16 -20.49 12.11
C ILE A 11 11.91 -19.72 10.80
N PHE A 12 13.00 -19.49 10.05
CA PHE A 12 12.93 -18.79 8.75
C PHE A 12 12.68 -19.83 7.67
N ASN A 13 11.59 -19.67 6.92
CA ASN A 13 11.22 -20.51 5.77
C ASN A 13 11.32 -19.68 4.47
N GLU A 14 10.41 -19.94 3.55
CA GLU A 14 10.64 -19.53 2.16
C GLU A 14 10.68 -18.01 2.00
N SER A 15 11.48 -17.55 1.05
CA SER A 15 11.42 -16.18 0.57
C SER A 15 10.06 -15.93 -0.05
N LEU A 16 9.48 -14.78 0.30
CA LEU A 16 8.17 -14.38 -0.21
C LEU A 16 8.31 -13.21 -1.15
N GLY A 17 9.49 -12.65 -1.30
CA GLY A 17 9.67 -11.51 -2.18
C GLY A 17 10.56 -10.47 -1.52
N GLN A 18 10.43 -9.22 -1.98
CA GLN A 18 11.34 -8.18 -1.57
C GLN A 18 10.68 -6.81 -1.77
N GLY A 19 11.14 -5.86 -0.98
CA GLY A 19 10.77 -4.47 -1.13
C GLY A 19 12.01 -3.64 -1.35
N THR A 20 11.91 -2.34 -1.13
CA THR A 20 13.05 -1.44 -1.26
CA THR A 20 13.05 -1.44 -1.26
C THR A 20 13.95 -1.65 -0.04
N PHE A 21 15.12 -2.20 -0.27
CA PHE A 21 16.14 -2.41 0.72
C PHE A 21 15.77 -3.51 1.69
N THR A 22 14.76 -4.32 1.35
CA THR A 22 14.26 -5.36 2.26
C THR A 22 13.98 -6.68 1.54
N LYS A 23 14.04 -7.78 2.31
CA LYS A 23 13.60 -9.09 1.84
C LYS A 23 12.61 -9.63 2.87
N ILE A 24 11.61 -10.33 2.39
CA ILE A 24 10.61 -10.92 3.26
C ILE A 24 10.62 -12.44 3.15
N PHE A 25 10.38 -13.11 4.29
CA PHE A 25 10.33 -14.54 4.40
C PHE A 25 9.12 -14.94 5.20
N LYS A 26 8.60 -16.12 4.90
CA LYS A 26 7.60 -16.75 5.76
C LYS A 26 8.32 -17.43 6.90
N GLY A 27 7.78 -17.29 8.09
CA GLY A 27 8.38 -17.87 9.28
C GLY A 27 7.32 -18.50 10.17
N VAL A 28 7.84 -19.27 11.14
CA VAL A 28 7.04 -19.81 12.23
C VAL A 28 7.61 -19.24 13.52
N ARG A 29 6.72 -18.70 14.36
CA ARG A 29 7.10 -18.22 15.66
C ARG A 29 6.52 -19.16 16.74
N ARG A 30 7.38 -19.56 17.66
CA ARG A 30 6.97 -20.33 18.83
C ARG A 30 6.84 -19.34 19.98
N GLU A 31 5.71 -19.40 20.65
CA GLU A 31 5.49 -18.43 21.70
C GLU A 31 4.62 -19.07 22.78
N VAL A 32 4.67 -18.48 23.95
CA VAL A 32 3.69 -18.77 25.00
C VAL A 32 2.55 -17.79 24.75
N GLY A 33 1.39 -18.32 24.48
CA GLY A 33 0.23 -17.52 24.17
C GLY A 33 -0.71 -17.38 25.33
N ASP A 34 -1.94 -17.00 25.01
CA ASP A 34 -2.95 -16.83 26.02
C ASP A 34 -3.05 -18.16 26.78
N TYR A 35 -3.23 -18.03 28.06
CA TYR A 35 -3.41 -19.17 28.96
C TYR A 35 -2.16 -19.98 29.13
N GLY A 36 -0.99 -19.46 28.76
CA GLY A 36 0.26 -20.19 28.91
C GLY A 36 0.42 -21.32 27.94
N GLN A 37 -0.42 -21.40 26.92
CA GLN A 37 -0.33 -22.49 25.96
C GLN A 37 0.78 -22.20 24.95
N LEU A 38 1.59 -23.19 24.65
CA LEU A 38 2.59 -23.02 23.60
C LEU A 38 1.87 -23.14 22.28
N HIS A 39 2.13 -22.18 21.40
N HIS A 39 2.10 -22.20 21.37
CA HIS A 39 1.51 -22.11 20.09
CA HIS A 39 1.48 -22.32 20.07
C HIS A 39 2.60 -21.99 19.03
C HIS A 39 2.42 -21.77 19.02
N GLU A 40 2.18 -22.20 17.78
CA GLU A 40 2.99 -21.86 16.63
C GLU A 40 2.12 -20.99 15.74
N THR A 41 2.66 -19.86 15.29
CA THR A 41 1.93 -18.93 14.45
C THR A 41 2.77 -18.67 13.20
N GLU A 42 2.09 -18.61 12.07
CA GLU A 42 2.75 -18.11 10.87
C GLU A 42 3.05 -16.63 11.06
N VAL A 43 4.24 -16.22 10.61
CA VAL A 43 4.67 -14.83 10.68
C VAL A 43 5.34 -14.41 9.39
N LEU A 44 5.34 -13.13 9.14
CA LEU A 44 6.15 -12.47 8.13
C LEU A 44 7.40 -11.97 8.77
N LEU A 45 8.54 -12.31 8.19
CA LEU A 45 9.82 -11.85 8.67
C LEU A 45 10.39 -10.90 7.66
N LYS A 46 10.57 -9.64 8.03
CA LYS A 46 11.01 -8.61 7.08
C LYS A 46 12.41 -8.20 7.51
N VAL A 47 13.38 -8.41 6.62
CA VAL A 47 14.80 -8.27 6.90
C VAL A 47 15.34 -7.08 6.13
N LEU A 48 15.93 -6.13 6.83
CA LEU A 48 16.59 -5.02 6.15
C LEU A 48 17.88 -5.54 5.48
N ASP A 49 18.02 -5.26 4.17
CA ASP A 49 19.17 -5.75 3.39
C ASP A 49 20.47 -5.33 4.06
N LYS A 50 21.46 -6.24 4.04
CA LYS A 50 22.76 -5.91 4.62
C LYS A 50 23.39 -4.70 3.96
N ALA A 51 23.16 -4.53 2.66
CA ALA A 51 23.69 -3.38 1.93
C ALA A 51 22.98 -2.07 2.26
N HIS A 52 22.00 -2.08 3.16
CA HIS A 52 21.22 -0.89 3.46
C HIS A 52 21.00 -0.72 4.94
N ARG A 53 21.90 -1.24 5.77
CA ARG A 53 21.77 -1.17 7.22
C ARG A 53 21.87 0.25 7.78
N ASN A 54 22.33 1.21 7.00
CA ASN A 54 22.35 2.59 7.48
C ASN A 54 20.94 3.16 7.65
N TYR A 55 19.94 2.53 7.03
CA TYR A 55 18.55 2.95 7.16
C TYR A 55 17.82 2.24 8.29
N SER A 56 18.53 1.55 9.18
CA SER A 56 17.87 0.75 10.20
C SER A 56 16.93 1.58 11.06
N GLU A 57 17.35 2.80 11.44
CA GLU A 57 16.50 3.62 12.30
C GLU A 57 15.15 3.95 11.64
N SER A 58 15.19 4.37 10.38
CA SER A 58 13.97 4.69 9.64
C SER A 58 13.14 3.43 9.37
N PHE A 59 13.81 2.32 9.11
CA PHE A 59 13.15 1.01 8.99
C PHE A 59 12.33 0.67 10.24
N PHE A 60 12.93 0.75 11.43
CA PHE A 60 12.17 0.43 12.64
C PHE A 60 11.15 1.50 13.00
N GLU A 61 11.49 2.79 12.84
CA GLU A 61 10.54 3.84 13.18
C GLU A 61 9.28 3.77 12.31
N ALA A 62 9.43 3.41 11.03
CA ALA A 62 8.27 3.27 10.15
C ALA A 62 7.33 2.17 10.65
N ALA A 63 7.90 1.02 11.00
CA ALA A 63 7.08 -0.05 11.58
C ALA A 63 6.45 0.37 12.89
N SER A 64 7.16 1.16 13.71
CA SER A 64 6.62 1.56 15.01
C SER A 64 5.35 2.39 14.84
N MET A 65 5.19 3.09 13.71
CA MET A 65 3.93 3.79 13.41
C MET A 65 2.75 2.84 13.54
N MET A 66 2.90 1.61 13.08
CA MET A 66 1.80 0.65 13.11
C MET A 66 1.69 -0.06 14.44
N SER A 67 2.70 0.04 15.29
CA SER A 67 2.55 -0.45 16.66
C SER A 67 1.76 0.53 17.51
N LYS A 68 1.76 1.81 17.15
CA LYS A 68 1.06 2.84 17.93
C LYS A 68 -0.38 2.98 17.49
N LEU A 69 -0.72 2.46 16.33
CA LEU A 69 -2.08 2.50 15.83
CA LEU A 69 -2.08 2.50 15.82
C LEU A 69 -2.64 1.09 15.79
N SER A 70 -3.94 1.00 15.98
CA SER A 70 -4.67 -0.25 15.88
C SER A 70 -5.84 0.05 14.97
N HIS A 71 -5.96 -0.71 13.89
CA HIS A 71 -7.06 -0.49 12.96
C HIS A 71 -7.22 -1.76 12.15
N LYS A 72 -8.49 -2.11 11.83
CA LYS A 72 -8.73 -3.36 11.13
C LYS A 72 -8.08 -3.44 9.75
N HIS A 73 -7.73 -2.32 9.14
CA HIS A 73 -7.14 -2.32 7.82
C HIS A 73 -5.63 -2.06 7.84
N LEU A 74 -4.99 -2.21 8.98
CA LEU A 74 -3.54 -1.99 9.13
C LEU A 74 -2.88 -3.28 9.62
N VAL A 75 -1.76 -3.66 8.99
CA VAL A 75 -1.00 -4.87 9.34
C VAL A 75 -0.50 -4.79 10.75
N LEU A 76 -0.60 -5.89 11.47
CA LEU A 76 -0.12 -5.99 12.84
C LEU A 76 1.36 -6.28 12.94
N ASN A 77 2.04 -5.63 13.85
CA ASN A 77 3.40 -5.97 14.25
C ASN A 77 3.36 -6.90 15.46
N TYR A 78 4.26 -7.88 15.47
CA TYR A 78 4.44 -8.74 16.65
C TYR A 78 5.68 -8.37 17.45
N GLY A 79 6.75 -7.93 16.83
CA GLY A 79 7.96 -7.56 17.55
C GLY A 79 9.18 -7.47 16.62
N VAL A 80 10.36 -7.53 17.23
CA VAL A 80 11.64 -7.56 16.53
C VAL A 80 12.44 -8.75 17.00
N CYS A 81 13.27 -9.30 16.12
CA CYS A 81 14.10 -10.45 16.46
C CYS A 81 15.46 -9.97 16.96
N VAL A 82 15.95 -10.62 18.00
CA VAL A 82 17.32 -10.39 18.49
C VAL A 82 18.24 -11.23 17.63
N CYS A 83 18.16 -11.05 16.32
CA CYS A 83 18.80 -11.91 15.34
C CYS A 83 20.24 -11.48 15.07
N GLY A 84 21.00 -11.26 16.13
CA GLY A 84 22.41 -10.96 15.97
C GLY A 84 22.62 -9.65 15.24
N ASP A 85 23.29 -9.73 14.10
CA ASP A 85 23.62 -8.54 13.31
C ASP A 85 22.53 -8.18 12.31
N GLU A 86 21.35 -8.79 12.42
CA GLU A 86 20.27 -8.56 11.47
C GLU A 86 19.20 -7.69 12.10
N ASN A 87 18.67 -6.76 11.30
CA ASN A 87 17.51 -5.97 11.69
C ASN A 87 16.30 -6.65 11.08
N ILE A 88 15.47 -7.27 11.92
CA ILE A 88 14.36 -8.13 11.45
C ILE A 88 13.08 -7.80 12.22
N LEU A 89 12.03 -7.43 11.50
CA LEU A 89 10.71 -7.24 12.04
C LEU A 89 9.89 -8.49 11.89
N VAL A 90 9.07 -8.79 12.90
CA VAL A 90 8.17 -9.95 12.92
C VAL A 90 6.75 -9.38 12.85
N GLN A 91 6.04 -9.67 11.79
CA GLN A 91 4.77 -9.06 11.49
C GLN A 91 3.75 -10.11 11.08
N GLU A 92 2.50 -9.67 10.97
CA GLU A 92 1.42 -10.49 10.57
C GLU A 92 1.63 -11.01 9.17
N PHE A 93 1.46 -12.28 9.03
CA PHE A 93 1.49 -12.95 7.73
C PHE A 93 0.09 -12.91 7.11
N VAL A 94 -0.05 -12.14 6.00
CA VAL A 94 -1.32 -12.00 5.32
C VAL A 94 -1.40 -13.06 4.25
N LYS A 95 -2.48 -13.86 4.29
CA LYS A 95 -2.50 -15.15 3.60
C LYS A 95 -2.27 -15.06 2.10
N PHE A 96 -2.93 -14.15 1.41
CA PHE A 96 -2.94 -14.13 -0.02
C PHE A 96 -1.93 -13.18 -0.62
N GLY A 97 -1.08 -12.55 0.17
CA GLY A 97 0.01 -11.75 -0.34
C GLY A 97 -0.42 -10.41 -0.90
N SER A 98 0.48 -9.85 -1.71
CA SER A 98 0.34 -8.48 -2.18
C SER A 98 -0.71 -8.34 -3.26
N LEU A 99 -1.37 -7.18 -3.25
CA LEU A 99 -2.43 -6.92 -4.21
C LEU A 99 -1.95 -6.82 -5.64
N ASP A 100 -0.78 -6.24 -5.89
CA ASP A 100 -0.31 -6.14 -7.26
C ASP A 100 -0.18 -7.51 -7.90
N THR A 101 0.40 -8.47 -7.19
CA THR A 101 0.55 -9.84 -7.72
C THR A 101 -0.83 -10.50 -7.88
N TYR A 102 -1.73 -10.24 -6.93
CA TYR A 102 -3.04 -10.83 -7.02
C TYR A 102 -3.86 -10.27 -8.19
N LEU A 103 -3.78 -8.97 -8.43
CA LEU A 103 -4.51 -8.34 -9.51
C LEU A 103 -4.05 -8.90 -10.84
N LYS A 104 -2.75 -9.17 -10.96
CA LYS A 104 -2.20 -9.67 -12.23
C LYS A 104 -2.63 -11.09 -12.49
N LYS A 105 -2.55 -11.95 -11.47
CA LYS A 105 -2.95 -13.34 -11.58
C LYS A 105 -4.44 -13.50 -11.83
N ASN A 106 -5.27 -12.64 -11.22
CA ASN A 106 -6.72 -12.80 -11.25
C ASN A 106 -7.41 -11.71 -12.08
N LYS A 107 -6.68 -11.06 -12.99
CA LYS A 107 -7.25 -9.94 -13.73
C LYS A 107 -8.50 -10.35 -14.51
N ASN A 108 -8.65 -11.64 -14.80
CA ASN A 108 -9.79 -12.10 -15.57
C ASN A 108 -11.05 -12.22 -14.71
N CYS A 109 -10.90 -12.52 -13.43
CA CYS A 109 -12.04 -12.87 -12.58
C CYS A 109 -12.43 -11.77 -11.60
N ILE A 110 -11.83 -10.58 -11.69
CA ILE A 110 -12.06 -9.50 -10.75
C ILE A 110 -12.96 -8.47 -11.42
N ASN A 111 -14.13 -8.22 -10.84
CA ASN A 111 -15.13 -7.34 -11.42
C ASN A 111 -15.08 -5.97 -10.73
N ILE A 112 -15.93 -5.07 -11.18
CA ILE A 112 -15.84 -3.68 -10.74
C ILE A 112 -16.17 -3.54 -9.27
N LEU A 113 -17.08 -4.35 -8.74
CA LEU A 113 -17.43 -4.25 -7.33
C LEU A 113 -16.25 -4.68 -6.45
N TRP A 114 -15.51 -5.70 -6.87
CA TRP A 114 -14.28 -6.09 -6.18
C TRP A 114 -13.33 -4.91 -6.11
N LYS A 115 -13.13 -4.25 -7.23
CA LYS A 115 -12.19 -3.11 -7.27
C LYS A 115 -12.70 -1.97 -6.40
N LEU A 116 -14.00 -1.68 -6.43
CA LEU A 116 -14.55 -0.63 -5.60
C LEU A 116 -14.39 -0.97 -4.13
N GLU A 117 -14.65 -2.22 -3.75
CA GLU A 117 -14.51 -2.62 -2.35
C GLU A 117 -13.08 -2.44 -1.85
N VAL A 118 -12.10 -2.88 -2.62
CA VAL A 118 -10.72 -2.74 -2.20
C VAL A 118 -10.34 -1.28 -2.12
N ALA A 119 -10.75 -0.50 -3.11
CA ALA A 119 -10.43 0.91 -3.07
C ALA A 119 -11.06 1.61 -1.89
N LYS A 120 -12.32 1.27 -1.55
CA LYS A 120 -12.99 1.88 -0.40
C LYS A 120 -12.31 1.48 0.89
N GLN A 121 -11.86 0.23 0.99
CA GLN A 121 -11.16 -0.20 2.20
C GLN A 121 -9.85 0.54 2.32
N LEU A 122 -9.11 0.69 1.21
CA LEU A 122 -7.86 1.45 1.31
C LEU A 122 -8.15 2.91 1.71
N ALA A 123 -9.20 3.49 1.13
CA ALA A 123 -9.57 4.85 1.46
C ALA A 123 -9.98 4.97 2.93
N ALA A 124 -10.59 3.93 3.48
CA ALA A 124 -10.91 3.96 4.89
C ALA A 124 -9.68 3.96 5.79
N ALA A 125 -8.70 3.14 5.45
CA ALA A 125 -7.44 3.16 6.16
C ALA A 125 -6.80 4.54 6.07
N MET A 126 -6.79 5.10 4.87
CA MET A 126 -6.15 6.38 4.66
C MET A 126 -6.88 7.51 5.33
N HIS A 127 -8.21 7.43 5.43
CA HIS A 127 -8.96 8.43 6.19
C HIS A 127 -8.61 8.33 7.68
N PHE A 128 -8.40 7.13 8.19
CA PHE A 128 -7.96 6.96 9.57
C PHE A 128 -6.61 7.59 9.76
N LEU A 129 -5.67 7.35 8.85
CA LEU A 129 -4.38 8.02 9.01
C LEU A 129 -4.52 9.52 8.90
N GLU A 130 -5.32 10.00 7.96
CA GLU A 130 -5.50 11.44 7.80
C GLU A 130 -6.02 12.08 9.09
N GLU A 131 -7.03 11.45 9.68
CA GLU A 131 -7.61 11.96 10.92
C GLU A 131 -6.59 11.98 12.05
N ASN A 132 -5.62 11.08 12.02
CA ASN A 132 -4.56 11.03 12.99
C ASN A 132 -3.36 11.89 12.59
N THR A 133 -3.47 12.63 11.46
CA THR A 133 -2.42 13.47 10.93
C THR A 133 -1.12 12.71 10.78
N LEU A 134 -1.22 11.47 10.33
CA LEU A 134 -0.08 10.64 10.04
C LEU A 134 0.09 10.40 8.55
N ILE A 135 1.32 10.51 8.08
CA ILE A 135 1.68 10.35 6.69
C ILE A 135 2.31 8.98 6.49
N HIS A 136 1.72 8.18 5.61
CA HIS A 136 2.26 6.87 5.25
C HIS A 136 3.49 7.01 4.38
N GLY A 137 3.34 7.58 3.20
CA GLY A 137 4.45 7.88 2.34
C GLY A 137 4.83 6.81 1.36
N ASN A 138 4.22 5.63 1.41
CA ASN A 138 4.57 4.55 0.48
C ASN A 138 3.30 3.75 0.15
N VAL A 139 2.25 4.43 -0.22
CA VAL A 139 0.99 3.76 -0.61
C VAL A 139 1.18 3.26 -2.04
N CYS A 140 1.02 1.95 -2.25
CA CYS A 140 1.14 1.27 -3.54
C CYS A 140 0.47 -0.08 -3.41
N ALA A 141 0.14 -0.68 -4.53
CA ALA A 141 -0.52 -1.98 -4.51
C ALA A 141 0.36 -3.09 -3.92
N LYS A 142 1.67 -3.00 -4.04
CA LYS A 142 2.54 -3.99 -3.39
C LYS A 142 2.40 -3.98 -1.91
N ASN A 143 2.09 -2.84 -1.31
CA ASN A 143 1.98 -2.69 0.13
C ASN A 143 0.57 -2.87 0.63
N ILE A 144 -0.32 -3.33 -0.22
CA ILE A 144 -1.66 -3.72 0.18
C ILE A 144 -1.72 -5.25 0.15
N LEU A 145 -2.21 -5.85 1.23
CA LEU A 145 -2.15 -7.29 1.40
CA LEU A 145 -2.15 -7.29 1.39
C LEU A 145 -3.56 -7.82 1.53
N LEU A 146 -3.82 -8.95 0.86
CA LEU A 146 -5.16 -9.53 0.81
C LEU A 146 -5.32 -10.58 1.91
N ILE A 147 -6.15 -10.28 2.91
CA ILE A 147 -6.46 -11.16 4.03
C ILE A 147 -7.40 -12.29 3.60
N ARG A 148 -8.39 -11.96 2.79
CA ARG A 148 -9.40 -12.94 2.39
CA ARG A 148 -9.42 -12.91 2.42
C ARG A 148 -9.93 -12.58 1.03
N GLU A 149 -10.16 -13.62 0.24
CA GLU A 149 -10.70 -13.43 -1.08
C GLU A 149 -12.20 -13.18 -1.00
N GLU A 150 -12.75 -12.61 -2.04
CA GLU A 150 -14.19 -12.51 -2.23
C GLU A 150 -14.80 -13.90 -2.09
N ASP A 151 -15.94 -14.00 -1.44
CA ASP A 151 -16.70 -15.28 -1.40
C ASP A 151 -17.95 -15.14 -2.23
N ARG A 152 -17.90 -15.61 -3.47
CA ARG A 152 -19.03 -15.55 -4.38
C ARG A 152 -20.14 -16.50 -3.96
N LYS A 153 -19.91 -17.34 -2.93
CA LYS A 153 -20.99 -18.19 -2.43
C LYS A 153 -21.93 -17.43 -1.51
N THR A 154 -21.48 -16.32 -0.95
CA THR A 154 -22.28 -15.51 -0.03
C THR A 154 -22.35 -14.05 -0.42
N GLY A 155 -21.53 -13.60 -1.37
CA GLY A 155 -21.44 -12.16 -1.66
C GLY A 155 -20.53 -11.40 -0.73
N ASN A 156 -19.80 -12.05 0.10
CA ASN A 156 -18.92 -11.33 1.02
C ASN A 156 -17.71 -10.81 0.25
N PRO A 157 -17.28 -9.59 0.55
CA PRO A 157 -16.22 -8.97 -0.26
C PRO A 157 -14.84 -9.43 0.16
N PRO A 158 -13.84 -9.14 -0.68
CA PRO A 158 -12.45 -9.29 -0.24
C PRO A 158 -12.18 -8.37 0.94
N PHE A 159 -11.06 -8.63 1.64
CA PHE A 159 -10.64 -7.79 2.77
C PHE A 159 -9.14 -7.58 2.69
N ILE A 160 -8.72 -6.30 2.74
CA ILE A 160 -7.31 -5.93 2.63
C ILE A 160 -6.80 -5.25 3.88
N LYS A 161 -5.46 -5.23 3.99
CA LYS A 161 -4.76 -4.40 4.95
C LYS A 161 -3.64 -3.66 4.23
N LEU A 162 -3.29 -2.52 4.76
CA LEU A 162 -2.14 -1.71 4.33
C LEU A 162 -0.97 -1.96 5.29
N SER A 163 0.20 -2.19 4.69
CA SER A 163 1.43 -2.42 5.45
C SER A 163 2.06 -1.16 6.02
N ASP A 164 3.10 -1.32 6.84
CA ASP A 164 3.86 -0.18 7.31
C ASP A 164 4.58 0.42 6.10
N PRO A 165 4.94 1.70 6.16
CA PRO A 165 5.46 2.37 4.95
C PRO A 165 6.89 2.05 4.57
N GLY A 166 7.64 1.38 5.42
CA GLY A 166 9.00 1.17 5.12
C GLY A 166 9.77 2.47 5.22
N ILE A 167 11.00 2.40 4.71
CA ILE A 167 11.95 3.49 4.90
C ILE A 167 11.39 4.74 4.26
N SER A 168 11.41 5.85 4.99
CA SER A 168 10.81 7.09 4.52
C SER A 168 11.48 7.64 3.28
N ILE A 169 10.67 8.20 2.37
CA ILE A 169 11.24 8.89 1.22
C ILE A 169 12.12 10.06 1.67
N THR A 170 11.93 10.55 2.88
CA THR A 170 12.67 11.70 3.36
C THR A 170 14.14 11.39 3.52
N VAL A 171 14.52 10.11 3.60
CA VAL A 171 15.93 9.74 3.72
C VAL A 171 16.47 9.02 2.49
N LEU A 172 15.66 8.79 1.47
CA LEU A 172 16.04 7.90 0.38
C LEU A 172 16.80 8.66 -0.71
N PRO A 173 17.67 7.95 -1.44
CA PRO A 173 18.40 8.61 -2.53
C PRO A 173 17.49 9.11 -3.65
N LYS A 174 17.90 10.21 -4.29
CA LYS A 174 17.16 10.74 -5.43
C LYS A 174 16.96 9.70 -6.52
N ASP A 175 17.97 8.88 -6.79
CA ASP A 175 17.82 7.85 -7.81
C ASP A 175 16.70 6.87 -7.45
N ILE A 176 16.52 6.58 -6.16
CA ILE A 176 15.43 5.72 -5.75
C ILE A 176 14.10 6.42 -6.00
N LEU A 177 14.01 7.69 -5.56
CA LEU A 177 12.76 8.43 -5.69
C LEU A 177 12.32 8.54 -7.14
N GLN A 178 13.29 8.78 -8.07
CA GLN A 178 12.92 8.87 -9.46
C GLN A 178 12.32 7.56 -9.96
N GLU A 179 12.85 6.42 -9.49
CA GLU A 179 12.31 5.16 -9.94
C GLU A 179 10.93 4.90 -9.38
N ARG A 180 10.55 5.60 -8.32
CA ARG A 180 9.25 5.48 -7.68
C ARG A 180 8.21 6.44 -8.28
N ILE A 181 8.53 7.14 -9.35
CA ILE A 181 7.51 7.86 -10.14
C ILE A 181 6.66 6.82 -10.85
N PRO A 182 5.32 6.86 -10.78
CA PRO A 182 4.50 8.01 -10.38
C PRO A 182 3.80 7.76 -9.02
N TRP A 183 4.37 6.96 -8.12
CA TRP A 183 3.84 6.88 -6.77
C TRP A 183 4.27 8.06 -5.92
N VAL A 184 5.55 8.46 -6.03
CA VAL A 184 6.02 9.65 -5.31
C VAL A 184 5.55 10.88 -6.07
N PRO A 185 4.85 11.83 -5.44
CA PRO A 185 4.33 12.97 -6.17
C PRO A 185 5.43 13.89 -6.68
N PRO A 186 5.09 14.76 -7.65
CA PRO A 186 6.14 15.61 -8.29
C PRO A 186 6.87 16.49 -7.31
N GLU A 187 6.19 17.06 -6.31
CA GLU A 187 6.81 17.96 -5.35
C GLU A 187 7.74 17.26 -4.40
N CYS A 188 7.77 15.92 -4.36
CA CYS A 188 8.62 15.22 -3.41
C CYS A 188 9.84 14.62 -4.06
N ILE A 189 10.07 14.88 -5.34
CA ILE A 189 11.23 14.29 -6.00
C ILE A 189 12.50 15.07 -5.61
N GLU A 190 12.47 16.38 -5.76
CA GLU A 190 13.62 17.20 -5.41
C GLU A 190 13.66 17.48 -3.92
N ASN A 191 12.51 17.59 -3.28
CA ASN A 191 12.40 17.95 -1.86
C ASN A 191 11.49 16.97 -1.12
N PRO A 192 11.95 15.74 -0.90
CA PRO A 192 11.09 14.77 -0.19
C PRO A 192 10.77 15.18 1.22
N LYS A 193 11.56 16.07 1.84
CA LYS A 193 11.26 16.48 3.20
C LYS A 193 10.05 17.38 3.28
N ASN A 194 9.54 17.82 2.18
CA ASN A 194 8.32 18.64 2.18
C ASN A 194 7.06 17.78 2.20
N LEU A 195 7.19 16.46 2.26
CA LEU A 195 6.00 15.61 2.28
C LEU A 195 5.03 16.04 3.36
N ASN A 196 3.73 15.75 3.12
CA ASN A 196 2.62 16.19 3.94
C ASN A 196 1.46 15.23 3.63
N LEU A 197 0.32 15.48 4.24
CA LEU A 197 -0.82 14.58 4.04
C LEU A 197 -1.19 14.50 2.55
N ALA A 198 -1.01 15.60 1.82
CA ALA A 198 -1.33 15.58 0.39
C ALA A 198 -0.50 14.59 -0.38
N THR A 199 0.68 14.21 0.13
CA THR A 199 1.50 13.22 -0.53
C THR A 199 0.70 11.95 -0.76
N ASP A 200 0.06 11.45 0.29
CA ASP A 200 -0.65 10.19 0.24
C ASP A 200 -1.88 10.25 -0.64
N LYS A 201 -2.46 11.41 -0.87
CA LYS A 201 -3.57 11.49 -1.80
C LYS A 201 -3.10 11.21 -3.23
N TRP A 202 -1.97 11.76 -3.66
CA TRP A 202 -1.40 11.43 -4.95
C TRP A 202 -1.14 9.93 -5.08
N SER A 203 -0.44 9.37 -4.11
CA SER A 203 -0.08 7.94 -4.18
C SER A 203 -1.31 7.07 -4.18
N PHE A 204 -2.35 7.47 -3.47
CA PHE A 204 -3.63 6.75 -3.53
C PHE A 204 -4.19 6.73 -4.92
N GLY A 205 -4.09 7.84 -5.63
CA GLY A 205 -4.49 7.85 -7.03
C GLY A 205 -3.71 6.87 -7.86
N THR A 206 -2.39 6.84 -7.71
CA THR A 206 -1.59 5.86 -8.45
C THR A 206 -1.99 4.42 -8.14
N THR A 207 -2.24 4.16 -6.85
CA THR A 207 -2.63 2.82 -6.40
C THR A 207 -3.98 2.44 -6.96
N LEU A 208 -4.93 3.38 -6.99
CA LEU A 208 -6.23 3.13 -7.61
C LEU A 208 -6.02 2.82 -9.09
N TRP A 209 -5.10 3.51 -9.77
CA TRP A 209 -4.76 3.11 -11.14
C TRP A 209 -4.30 1.66 -11.22
N GLU A 210 -3.43 1.26 -10.31
CA GLU A 210 -2.97 -0.14 -10.29
C GLU A 210 -4.16 -1.09 -10.16
N ILE A 211 -5.06 -0.78 -9.24
CA ILE A 211 -6.24 -1.63 -9.01
C ILE A 211 -7.08 -1.75 -10.27
N CYS A 212 -7.18 -0.70 -11.04
CA CYS A 212 -8.03 -0.67 -12.23
C CYS A 212 -7.33 -1.26 -13.45
N SER A 213 -6.03 -1.44 -13.41
CA SER A 213 -5.24 -1.87 -14.54
CA SER A 213 -5.23 -1.88 -14.55
C SER A 213 -4.70 -3.29 -14.37
N GLY A 214 -5.35 -4.10 -13.56
CA GLY A 214 -4.94 -5.47 -13.44
C GLY A 214 -3.52 -5.65 -12.98
N GLY A 215 -3.03 -4.74 -12.15
CA GLY A 215 -1.69 -4.87 -11.64
C GLY A 215 -0.58 -4.44 -12.59
N ASP A 216 -0.92 -3.77 -13.69
CA ASP A 216 0.14 -3.14 -14.49
C ASP A 216 0.88 -2.13 -13.61
N LYS A 217 2.14 -1.86 -13.97
CA LYS A 217 2.91 -0.82 -13.28
C LYS A 217 2.88 0.43 -14.15
N PRO A 218 2.29 1.53 -13.70
CA PRO A 218 2.19 2.70 -14.55
C PRO A 218 3.58 3.23 -14.88
N LEU A 219 3.72 3.63 -16.15
CA LEU A 219 4.94 4.21 -16.68
C LEU A 219 6.15 3.26 -16.63
N SER A 220 5.94 1.94 -16.54
CA SER A 220 7.08 1.03 -16.44
C SER A 220 7.96 1.08 -17.70
N ALA A 221 7.39 1.44 -18.82
CA ALA A 221 8.17 1.49 -20.06
C ALA A 221 9.06 2.71 -20.12
N LEU A 222 8.88 3.67 -19.22
CA LEU A 222 9.68 4.88 -19.20
C LEU A 222 10.87 4.70 -18.26
N ASP A 223 12.08 4.95 -18.76
CA ASP A 223 13.25 5.04 -17.91
C ASP A 223 13.15 6.23 -16.95
N SER A 224 14.10 6.33 -16.04
CA SER A 224 14.06 7.38 -15.02
C SER A 224 14.01 8.77 -15.65
N GLN A 225 14.82 9.01 -16.68
CA GLN A 225 14.78 10.31 -17.32
C GLN A 225 13.41 10.65 -17.88
N ARG A 226 12.77 9.72 -18.55
CA ARG A 226 11.46 9.92 -19.13
C ARG A 226 10.37 10.00 -18.02
N LYS A 227 10.58 9.31 -16.89
CA LYS A 227 9.63 9.47 -15.78
C LYS A 227 9.69 10.91 -15.25
N LEU A 228 10.90 11.46 -15.08
CA LEU A 228 11.02 12.86 -14.69
C LEU A 228 10.36 13.79 -15.70
N GLN A 229 10.60 13.57 -17.00
CA GLN A 229 10.00 14.37 -18.03
C GLN A 229 8.48 14.31 -18.00
N PHE A 230 7.90 13.15 -17.63
CA PHE A 230 6.46 13.00 -17.56
C PHE A 230 5.88 14.02 -16.57
N TYR A 231 6.56 14.21 -15.44
CA TYR A 231 6.18 15.24 -14.47
C TYR A 231 6.45 16.64 -15.03
N GLU A 232 7.62 16.84 -15.68
CA GLU A 232 7.89 18.16 -16.26
C GLU A 232 6.81 18.59 -17.24
N ASP A 233 6.23 17.68 -17.97
CA ASP A 233 5.23 17.93 -18.98
C ASP A 233 3.80 17.88 -18.44
N ARG A 234 3.66 17.61 -17.14
CA ARG A 234 2.36 17.65 -16.45
CA ARG A 234 2.36 17.65 -16.46
C ARG A 234 1.38 16.63 -17.04
N HIS A 235 1.89 15.45 -17.36
CA HIS A 235 1.00 14.45 -17.88
C HIS A 235 0.23 13.74 -16.74
N GLN A 236 -0.88 13.12 -17.13
CA GLN A 236 -1.68 12.23 -16.27
C GLN A 236 -1.52 10.80 -16.78
N LEU A 237 -1.89 9.83 -15.92
CA LEU A 237 -1.85 8.45 -16.34
C LEU A 237 -2.99 8.15 -17.32
N PRO A 238 -2.80 7.12 -18.17
CA PRO A 238 -3.87 6.76 -19.08
C PRO A 238 -5.12 6.33 -18.33
N ALA A 239 -6.24 6.76 -18.86
CA ALA A 239 -7.50 6.52 -18.17
C ALA A 239 -7.89 5.06 -18.23
N PRO A 240 -8.22 4.43 -17.09
CA PRO A 240 -8.97 3.17 -17.15
C PRO A 240 -10.28 3.38 -17.87
N LYS A 241 -10.83 2.27 -18.34
CA LYS A 241 -12.12 2.29 -19.03
C LYS A 241 -13.26 2.75 -18.12
N ALA A 242 -13.16 2.48 -16.81
CA ALA A 242 -14.17 2.96 -15.88
C ALA A 242 -14.01 4.45 -15.68
N ALA A 243 -14.80 5.23 -16.40
CA ALA A 243 -14.54 6.65 -16.51
C ALA A 243 -14.61 7.34 -15.15
N GLU A 244 -15.57 6.98 -14.32
CA GLU A 244 -15.66 7.64 -13.02
C GLU A 244 -14.44 7.36 -12.12
N LEU A 245 -13.84 6.19 -12.28
CA LEU A 245 -12.60 5.91 -11.55
C LEU A 245 -11.42 6.63 -12.18
N ALA A 246 -11.34 6.72 -13.51
CA ALA A 246 -10.35 7.60 -14.12
C ALA A 246 -10.45 9.02 -13.57
N ASN A 247 -11.70 9.53 -13.41
CA ASN A 247 -11.82 10.87 -12.88
C ASN A 247 -11.26 10.96 -11.46
N LEU A 248 -11.57 9.94 -10.61
CA LEU A 248 -11.05 9.97 -9.25
C LEU A 248 -9.53 9.87 -9.21
N ILE A 249 -8.97 9.02 -10.02
CA ILE A 249 -7.50 8.90 -10.12
C ILE A 249 -6.92 10.27 -10.40
N ASN A 250 -7.45 10.92 -11.45
CA ASN A 250 -6.87 12.18 -11.87
C ASN A 250 -7.10 13.28 -10.88
N ASN A 251 -8.25 13.28 -10.17
CA ASN A 251 -8.49 14.27 -9.13
C ASN A 251 -7.52 14.12 -7.99
N CYS A 252 -7.14 12.86 -7.63
CA CYS A 252 -6.18 12.65 -6.59
C CYS A 252 -4.77 13.01 -7.07
N MET A 253 -4.42 12.67 -8.32
CA MET A 253 -3.11 12.98 -8.88
C MET A 253 -3.11 14.40 -9.46
N ASP A 254 -3.48 15.35 -8.60
CA ASP A 254 -3.45 16.77 -8.94
C ASP A 254 -2.04 17.30 -8.73
N TYR A 255 -1.48 17.95 -9.77
CA TYR A 255 -0.17 18.56 -9.57
C TYR A 255 -0.16 19.66 -8.52
N GLU A 256 -1.30 20.24 -8.16
CA GLU A 256 -1.38 21.18 -7.06
C GLU A 256 -1.72 20.42 -5.78
N PRO A 257 -0.77 20.24 -4.86
CA PRO A 257 -1.04 19.39 -3.69
C PRO A 257 -2.22 19.89 -2.89
N ASP A 258 -2.41 21.21 -2.78
CA ASP A 258 -3.48 21.73 -1.92
C ASP A 258 -4.84 21.46 -2.51
N HIS A 259 -4.93 21.10 -3.78
CA HIS A 259 -6.23 20.82 -4.38
C HIS A 259 -6.62 19.35 -4.36
N ARG A 260 -5.75 18.47 -3.88
CA ARG A 260 -6.13 17.08 -3.82
C ARG A 260 -7.24 16.90 -2.79
N PRO A 261 -8.18 16.01 -3.05
CA PRO A 261 -9.35 15.94 -2.18
C PRO A 261 -9.07 15.23 -0.86
N SER A 262 -9.90 15.55 0.15
CA SER A 262 -9.79 14.82 1.39
C SER A 262 -10.16 13.35 1.20
N PHE A 263 -9.72 12.50 2.14
CA PHE A 263 -10.14 11.10 2.08
C PHE A 263 -11.65 10.95 2.36
N ARG A 264 -12.22 11.85 3.17
CA ARG A 264 -13.69 11.84 3.32
C ARG A 264 -14.39 12.03 1.96
N ALA A 265 -13.90 12.96 1.13
CA ALA A 265 -14.48 13.17 -0.19
C ALA A 265 -14.21 12.02 -1.14
N ILE A 266 -13.02 11.44 -1.05
CA ILE A 266 -12.70 10.26 -1.82
C ILE A 266 -13.70 9.12 -1.51
N ILE A 267 -13.91 8.87 -0.24
CA ILE A 267 -14.83 7.82 0.19
C ILE A 267 -16.23 8.10 -0.33
N ARG A 268 -16.65 9.36 -0.28
CA ARG A 268 -17.97 9.72 -0.81
C ARG A 268 -18.09 9.39 -2.29
N ASP A 269 -17.06 9.72 -3.08
CA ASP A 269 -17.06 9.43 -4.51
C ASP A 269 -17.09 7.94 -4.75
N LEU A 270 -16.29 7.17 -3.99
CA LEU A 270 -16.32 5.74 -4.18
C LEU A 270 -17.69 5.17 -3.82
N ASN A 271 -18.26 5.60 -2.70
CA ASN A 271 -19.53 5.05 -2.26
C ASN A 271 -20.59 5.27 -3.29
N SER A 272 -20.56 6.41 -3.95
CA SER A 272 -21.59 6.72 -4.94
C SER A 272 -21.52 5.75 -6.11
N LEU A 273 -20.34 5.21 -6.41
CA LEU A 273 -20.20 4.35 -7.56
C LEU A 273 -20.76 2.95 -7.35
N PHE A 274 -21.07 2.58 -6.10
CA PHE A 274 -21.64 1.28 -5.81
C PHE A 274 -23.07 1.21 -6.29
N THR A 275 -23.75 2.35 -6.43
CA THR A 275 -25.14 2.36 -6.86
C THR A 275 -25.13 2.46 -8.38
N PRO A 276 -25.66 1.48 -9.11
CA PRO A 276 -25.73 1.62 -10.56
C PRO A 276 -26.46 2.88 -11.01
N ASP A 277 -26.01 3.44 -12.12
CA ASP A 277 -26.69 4.57 -12.75
C ASP A 277 -27.21 4.07 -14.09
N LEU A 278 -28.51 3.86 -14.16
CA LEU A 278 -29.11 3.29 -15.36
C LEU A 278 -29.59 4.36 -16.33
N VAL A 279 -29.45 5.63 -15.99
CA VAL A 279 -29.81 6.72 -16.90
C VAL A 279 -28.64 6.98 -17.85
N PRO A 280 -28.87 6.94 -19.17
CA PRO A 280 -27.75 7.15 -20.10
C PRO A 280 -27.03 8.47 -19.86
N ARG A 281 -25.71 8.42 -19.88
CA ARG A 281 -24.89 9.60 -19.72
C ARG A 281 -25.27 10.66 -20.75
N GLY A 282 -25.43 11.91 -20.28
CA GLY A 282 -25.72 13.01 -21.19
C GLY A 282 -27.17 13.17 -21.54
N SER A 283 -28.08 12.65 -20.71
CA SER A 283 -29.52 12.74 -20.95
C SER A 283 -30.10 14.10 -20.63
N HIS A 284 -29.31 15.06 -20.13
CA HIS A 284 -29.83 16.39 -19.93
C HIS A 284 -30.09 17.11 -21.25
N HIS A 285 -29.55 16.60 -22.35
CA HIS A 285 -29.78 17.16 -23.67
C HIS A 285 -30.55 16.17 -24.52
N HIS A 286 -31.42 16.66 -25.37
CA HIS A 286 -32.19 15.82 -26.30
C HIS A 286 -31.48 15.81 -27.65
N HIS A 287 -30.62 14.82 -27.85
CA HIS A 287 -29.81 14.70 -29.07
C HIS A 287 -28.77 15.81 -29.11
C10 Q8U B . 2.22 -14.82 0.07
C11 Q8U B . 1.42 -16.14 -0.19
C12 Q8U B . 0.59 -16.06 -1.40
C13 Q8U B . 1.86 -14.12 1.26
C14 Q8U B . 2.53 -12.89 1.60
C15 Q8U B . 3.53 -12.35 0.76
C16 Q8U B . 3.82 -13.05 -0.42
C21 Q8U B . 2.72 -9.46 4.77
C24 Q8U B . 4.17 -7.94 3.37
C27 Q8U B . 5.67 -5.74 2.96
C18 Q8U B . 2.55 -11.03 3.35
C01 Q8U B . -0.75 -18.12 -4.75
C02 Q8U B . -0.23 -17.13 -5.68
C03 Q8U B . 0.90 -16.44 -4.82
C05 Q8U B . -0.32 -17.82 -3.58
C06 Q8U B . 1.32 -16.31 -2.77
C07 Q8U B . 2.33 -14.99 -3.02
C08 Q8U B . 3.55 -14.93 -2.07
C09 Q8U B . 3.17 -14.29 -0.74
C28 Q8U B . 5.48 -6.56 1.89
C29 Q8U B . 4.66 -7.77 2.06
C30 Q8U B . 6.04 -6.18 0.53
C31 Q8U B . 7.50 -6.39 0.46
C32 Q8U B . 8.27 -5.89 1.68
C33 Q8U B . 7.73 -4.55 2.28
C34 Q8U B . 8.54 -3.43 2.28
C35 Q8U B . 8.07 -2.27 2.84
C36 Q8U B . 6.81 -2.23 3.50
C37 Q8U B . 6.00 -3.36 3.55
C38 Q8U B . 6.48 -4.54 2.91
N04 Q8U B . 0.45 -16.43 -3.67
N17 Q8U B . 2.14 -12.29 2.80
N19 Q8U B . 3.29 -10.10 2.74
N20 Q8U B . 3.43 -9.13 3.61
N22 Q8U B . 2.16 -10.63 4.61
N23 Q8U B . 2.58 -8.64 5.92
N25 Q8U B . 4.37 -7.08 4.42
N26 Q8U B . 5.15 -6.00 4.23
H111 Q8U B . 2.15 -16.98 -0.29
H112 Q8U B . 0.75 -16.34 0.70
H121 Q8U B . -0.16 -16.82 -1.30
H122 Q8U B . 0.17 -15.08 -1.44
H131 Q8U B . 1.08 -14.50 1.91
H151 Q8U B . 4.04 -11.43 1.01
H161 Q8U B . 4.58 -12.64 -1.13
H012 Q8U B . -0.42 -19.08 -5.03
H011 Q8U B . -1.81 -18.08 -4.76
H021 Q8U B . 0.23 -17.65 -6.61
H022 Q8U B . -1.03 -16.38 -5.99
H031 Q8U B . 1.06 -15.46 -5.15
H032 Q8U B . 1.78 -16.98 -4.86
H051 Q8U B . -1.17 -17.72 -2.88
H052 Q8U B . 0.37 -18.59 -3.23
H061 Q8U B . 1.87 -17.22 -2.82
H072 Q8U B . 1.74 -14.09 -2.87
H071 Q8U B . 2.72 -15.06 -4.05
H081 Q8U B . 4.30 -14.35 -2.52
H082 Q8U B . 3.89 -15.90 -1.89
H291 Q8U B . 4.44 -8.49 1.23
H302 Q8U B . 5.56 -6.76 -0.22
H301 Q8U B . 5.84 -5.14 0.36
H312 Q8U B . 7.85 -5.89 -0.37
H311 Q8U B . 7.66 -7.40 0.38
H321 Q8U B . 9.30 -5.73 1.38
H322 Q8U B . 8.20 -6.65 2.46
H341 Q8U B . 9.52 -3.45 1.84
H351 Q8U B . 8.69 -1.33 2.77
H361 Q8U B . 6.48 -1.33 3.97
H371 Q8U B . 5.01 -3.35 4.05
H171 Q8U B . 1.46 -12.82 3.34
H232 Q8U B . 2.45 -7.64 5.84
H231 Q8U B . 2.62 -9.02 6.84
C1 GOL C . -12.90 9.82 -18.76
O1 GOL C . -13.16 9.74 -17.43
C2 GOL C . -11.38 9.75 -18.92
O2 GOL C . -11.03 9.64 -20.28
C3 GOL C . -10.82 11.02 -18.31
O3 GOL C . -10.60 10.79 -16.95
H11 GOL C . -13.22 10.63 -19.17
H12 GOL C . -13.30 9.09 -19.27
H2 GOL C . -11.01 8.98 -18.45
HO2 GOL C . -11.23 8.86 -20.55
H31 GOL C . -11.45 11.74 -18.48
H32 GOL C . -10.02 11.27 -18.79
C1 GOL D . 16.70 -16.01 5.62
O1 GOL D . 17.17 -17.10 4.84
C2 GOL D . 17.88 -15.48 6.50
O2 GOL D . 19.08 -15.45 5.81
C3 GOL D . 17.43 -14.06 6.98
O3 GOL D . 18.24 -13.12 6.33
H11 GOL D . 15.96 -16.27 6.20
H12 GOL D . 16.37 -15.29 5.08
HO1 GOL D . 17.85 -17.41 5.27
H2 GOL D . 18.02 -16.08 7.25
H31 GOL D . 17.51 -14.02 7.94
H32 GOL D . 16.49 -13.95 6.79
C1 GOL E . -10.73 -9.87 10.21
O1 GOL E . -10.24 -10.78 9.27
C2 GOL E . -11.70 -8.95 9.44
O2 GOL E . -12.97 -9.53 9.37
C3 GOL E . -11.68 -7.62 10.19
O3 GOL E . -11.68 -7.87 11.54
H11 GOL E . -10.03 -9.34 10.62
H12 GOL E . -11.20 -10.31 10.93
HO1 GOL E . -9.63 -10.37 8.83
H2 GOL E . -11.42 -8.80 8.53
HO2 GOL E . -13.38 -9.35 10.10
H31 GOL E . -12.43 -7.09 9.90
H32 GOL E . -10.89 -7.12 9.90
C1 GOL F . 5.62 0.55 -6.42
O1 GOL F . 5.57 -0.80 -6.17
C2 GOL F . 6.73 1.14 -5.49
O2 GOL F . 7.95 1.29 -6.13
C3 GOL F . 6.21 2.48 -4.98
O3 GOL F . 7.16 2.99 -4.12
H11 GOL F . 4.78 1.00 -6.25
H12 GOL F . 5.84 0.75 -7.35
HO1 GOL F . 6.36 -1.10 -6.25
H2 GOL F . 6.88 0.53 -4.76
HO2 GOL F . 8.45 1.78 -5.65
H31 GOL F . 5.35 2.35 -4.58
H32 GOL F . 6.05 3.06 -5.74
C1 GOL G . -6.49 0.49 -17.36
O1 GOL G . -6.86 0.92 -16.12
C2 GOL G . -5.11 1.13 -17.65
O2 GOL G . -4.33 0.31 -18.47
C3 GOL G . -5.44 2.47 -18.33
O3 GOL G . -5.70 2.20 -19.68
H11 GOL G . -7.12 0.76 -18.05
H12 GOL G . -6.42 -0.47 -17.42
HO1 GOL G . -6.63 0.33 -15.57
H2 GOL G . -4.60 1.26 -16.84
HO2 GOL G . -4.64 0.34 -19.26
H31 GOL G . -4.71 3.08 -18.18
H32 GOL G . -6.20 2.88 -17.86
HO3 GOL G . -6.28 2.74 -19.93
#